data_7HKD
#
_entry.id   7HKD
#
_cell.length_a   82.494
_cell.length_b   116.353
_cell.length_c   148.188
_cell.angle_alpha   90.00
_cell.angle_beta   90.00
_cell.angle_gamma   90.00
#
_symmetry.space_group_name_H-M   'I 2 2 2'
#
loop_
_entity.id
_entity.type
_entity.pdbx_description
1 polymer 'Genome polyprotein'
2 non-polymer 'ZINC ION'
3 non-polymer '2-(N-MORPHOLINO)-ETHANESULFONIC ACID'
4 non-polymer 'DIMETHYL SULFOXIDE'
5 non-polymer DI(HYDROXYETHYL)ETHER
6 non-polymer 'PHOSPHATE ION'
7 non-polymer N-cyclopentylmethanesulfonamide
8 water water
#
_entity_poly.entity_id   1
_entity_poly.type   'polypeptide(L)'
_entity_poly.pdbx_seq_one_letter_code
;GPGIESETPNLDIIGKRIEKIKQEHETSWHYDQDHPYKTWAYHGSYETKQTGSASSMVNGVVRLLTKPWDIIPMVTQMAM
TDTTPFGQQRVFKEKVDTRTQEPKEGTKKLMKITAEWLWKELGKKKTPRMCTREEFTRKVRSNAALGAIFTDENKWKSAR
EAVEDSGFWELVDKERNLHLEGKCETCVYNMMGKREKKLGEFGKAKGSRAIWYMWLGARFLEFEALGFLNEDHWFSRENS
LSGVEGEGLHKLGYILRDVSKKEGGAMYADDTAGWDTRITLEDLKNEEMVTNHMEGEHKKLAEAIFKLTYQNKVVRVQRP
TPRGTVMDIISRRDQRGSGQVVTYGLNTFTNMEAQLIRQMEGEGVFKSIQHLTVTEEIAVKNWLVRVGRERLSRMAISGD
DCVVKPLDDRFASALTALNDMGKVRKDIQQWEPSRGWNDWTQVPFCSHHFHELIMKDGRVLVVPCRNQDELIGRARISQG
AGWSLRETACLGKSYAQMWSLMYFHRRDLRLAANAICSAVPSHWVPTSRTTWSIHATHEWMTTEDMLTVWNRVWIQENPW
MEDKTPVESWEEIPYLGKREDQWCGSLIGLTSRATWAKNIQTAINQVRSLIGNEEYTDYMPSMKRFRREEEEAGVLW
;
_entity_poly.pdbx_strand_id   A
#
loop_
_chem_comp.id
_chem_comp.type
_chem_comp.name
_chem_comp.formula
8BT non-polymer N-cyclopentylmethanesulfonamide 'C6 H13 N O2 S'
DMS non-polymer 'DIMETHYL SULFOXIDE' 'C2 H6 O S'
MES non-polymer '2-(N-MORPHOLINO)-ETHANESULFONIC ACID' 'C6 H13 N O4 S'
PEG non-polymer DI(HYDROXYETHYL)ETHER 'C4 H10 O3'
PO4 non-polymer 'PHOSPHATE ION' 'O4 P -3'
ZN non-polymer 'ZINC ION' 'Zn 2'
#
# COMPACT_ATOMS: atom_id res chain seq x y z
N ASN A 10 27.69 -15.33 2.74
CA ASN A 10 27.17 -16.19 1.63
C ASN A 10 26.72 -17.52 2.25
N LEU A 11 27.26 -18.66 1.78
CA LEU A 11 26.59 -19.99 1.80
C LEU A 11 26.50 -20.56 3.22
N ASP A 12 27.27 -20.02 4.17
CA ASP A 12 27.15 -20.43 5.60
C ASP A 12 25.76 -20.03 6.12
N ILE A 13 25.25 -18.85 5.72
CA ILE A 13 23.94 -18.30 6.20
C ILE A 13 22.79 -18.91 5.39
N ILE A 14 22.97 -19.16 4.09
CA ILE A 14 21.89 -19.68 3.21
C ILE A 14 22.05 -21.19 2.92
N GLY A 15 23.20 -21.81 3.26
CA GLY A 15 23.52 -23.22 2.92
C GLY A 15 22.51 -24.21 3.47
N LYS A 16 22.20 -24.10 4.77
CA LYS A 16 21.23 -24.96 5.52
C LYS A 16 19.89 -24.96 4.78
N ARG A 17 19.39 -23.78 4.41
CA ARG A 17 18.12 -23.65 3.66
C ARG A 17 18.28 -24.35 2.31
N ILE A 18 19.42 -24.17 1.65
CA ILE A 18 19.69 -24.72 0.29
C ILE A 18 19.82 -26.24 0.45
N GLU A 19 20.60 -26.70 1.43
CA GLU A 19 20.78 -28.14 1.78
C GLU A 19 19.40 -28.80 1.91
N LYS A 20 18.53 -28.26 2.78
CA LYS A 20 17.22 -28.86 3.13
C LYS A 20 16.35 -29.03 1.87
N ILE A 21 16.37 -28.06 0.95
CA ILE A 21 15.50 -28.09 -0.28
C ILE A 21 16.03 -29.17 -1.23
N LYS A 22 17.34 -29.18 -1.49
CA LYS A 22 18.06 -30.22 -2.27
C LYS A 22 17.48 -31.60 -1.95
N GLN A 23 17.55 -32.01 -0.70
CA GLN A 23 17.22 -33.39 -0.21
C GLN A 23 15.77 -33.77 -0.50
N GLU A 24 14.81 -32.84 -0.37
CA GLU A 24 13.36 -33.13 -0.57
C GLU A 24 13.08 -33.36 -2.07
N HIS A 25 14.02 -33.00 -2.94
CA HIS A 25 13.92 -33.18 -4.41
C HIS A 25 15.24 -33.80 -4.93
N GLU A 26 15.80 -34.76 -4.18
CA GLU A 26 17.07 -35.48 -4.49
C GLU A 26 16.93 -36.29 -5.79
N THR A 27 15.71 -36.76 -6.09
CA THR A 27 15.36 -37.48 -7.34
C THR A 27 15.47 -36.53 -8.56
N SER A 28 15.37 -35.20 -8.37
CA SER A 28 15.21 -34.18 -9.44
C SER A 28 16.35 -33.15 -9.50
N TRP A 29 17.25 -33.08 -8.51
CA TRP A 29 18.27 -31.99 -8.41
C TRP A 29 19.19 -32.04 -9.64
N HIS A 30 19.69 -30.89 -10.08
CA HIS A 30 20.56 -30.73 -11.29
C HIS A 30 21.00 -29.28 -11.45
N TYR A 31 22.32 -29.02 -11.45
CA TYR A 31 22.89 -27.68 -11.71
C TYR A 31 22.76 -27.37 -13.20
N ASP A 32 21.60 -26.83 -13.61
CA ASP A 32 21.31 -26.39 -15.01
C ASP A 32 22.40 -25.41 -15.46
N GLN A 33 22.73 -25.46 -16.76
CA GLN A 33 23.79 -24.64 -17.42
C GLN A 33 23.15 -23.49 -18.22
N ASP A 34 21.89 -23.66 -18.64
CA ASP A 34 21.12 -22.69 -19.48
C ASP A 34 20.30 -21.75 -18.57
N HIS A 35 20.76 -21.48 -17.33
CA HIS A 35 20.00 -20.65 -16.34
C HIS A 35 20.03 -19.19 -16.76
N PRO A 36 18.87 -18.48 -16.76
CA PRO A 36 18.79 -17.09 -17.21
C PRO A 36 19.26 -15.97 -16.26
N TYR A 37 19.87 -16.31 -15.11
CA TYR A 37 20.17 -15.35 -14.03
C TYR A 37 21.53 -14.72 -14.28
N LYS A 38 21.57 -13.38 -14.18
CA LYS A 38 22.82 -12.56 -14.21
C LYS A 38 23.14 -12.03 -12.81
N THR A 39 22.16 -11.45 -12.11
CA THR A 39 22.38 -10.68 -10.85
C THR A 39 21.98 -11.48 -9.62
N TRP A 40 21.14 -12.51 -9.78
CA TRP A 40 20.84 -13.52 -8.72
C TRP A 40 21.92 -14.60 -8.76
N ALA A 41 22.43 -15.01 -7.59
CA ALA A 41 23.24 -16.24 -7.42
C ALA A 41 22.31 -17.45 -7.55
N TYR A 42 22.68 -18.38 -8.43
CA TYR A 42 21.89 -19.58 -8.81
C TYR A 42 22.52 -20.81 -8.16
N HIS A 43 21.69 -21.74 -7.69
CA HIS A 43 22.25 -22.87 -6.90
C HIS A 43 21.81 -24.23 -7.44
N GLY A 44 20.64 -24.33 -8.05
CA GLY A 44 20.14 -25.61 -8.59
C GLY A 44 18.67 -25.52 -8.96
N SER A 45 18.13 -26.63 -9.49
CA SER A 45 16.76 -26.73 -10.06
C SER A 45 16.17 -28.09 -9.70
N TYR A 46 14.85 -28.24 -9.83
CA TYR A 46 14.08 -29.50 -9.55
C TYR A 46 12.68 -29.41 -10.18
N GLU A 47 11.99 -30.55 -10.30
CA GLU A 47 10.74 -30.75 -11.08
C GLU A 47 9.50 -30.24 -10.33
N THR A 48 8.58 -29.58 -11.03
CA THR A 48 7.25 -29.10 -10.54
C THR A 48 6.31 -28.95 -11.74
N LYS A 49 5.07 -28.47 -11.55
CA LYS A 49 4.08 -28.24 -12.65
C LYS A 49 2.80 -27.61 -12.08
N GLN A 50 2.63 -26.30 -12.20
CA GLN A 50 1.40 -25.55 -11.82
C GLN A 50 1.49 -24.12 -12.39
N THR A 51 0.54 -23.24 -12.05
CA THR A 51 0.42 -21.84 -12.57
C THR A 51 1.78 -21.15 -12.51
N ALA A 54 -4.25 -17.79 -11.44
CA ALA A 54 -5.40 -17.09 -10.83
C ALA A 54 -5.63 -15.74 -11.53
N SER A 55 -6.45 -15.72 -12.58
CA SER A 55 -6.82 -14.52 -13.38
C SER A 55 -7.97 -13.77 -12.69
N SER A 56 -8.28 -12.57 -13.19
CA SER A 56 -9.31 -11.67 -12.63
C SER A 56 -10.69 -12.09 -13.20
N MET A 57 -11.67 -12.30 -12.31
CA MET A 57 -13.05 -12.73 -12.64
C MET A 57 -13.97 -11.50 -12.60
N VAL A 58 -15.05 -11.46 -13.36
CA VAL A 58 -15.96 -10.29 -13.34
C VAL A 58 -17.01 -10.42 -12.23
N ASN A 59 -17.26 -9.33 -11.50
CA ASN A 59 -18.38 -9.21 -10.54
C ASN A 59 -19.68 -8.86 -11.29
N GLY A 60 -20.55 -9.84 -11.45
CA GLY A 60 -21.79 -9.67 -12.23
C GLY A 60 -22.81 -8.74 -11.63
N VAL A 61 -22.85 -8.63 -10.31
CA VAL A 61 -23.77 -7.66 -9.68
C VAL A 61 -23.35 -6.24 -10.08
N VAL A 62 -22.06 -5.93 -9.98
CA VAL A 62 -21.60 -4.55 -10.29
C VAL A 62 -21.75 -4.33 -11.81
N ARG A 63 -21.39 -5.30 -12.65
CA ARG A 63 -21.46 -5.10 -14.11
C ARG A 63 -22.89 -4.90 -14.55
N LEU A 64 -23.84 -5.71 -14.07
CA LEU A 64 -25.26 -5.52 -14.47
C LEU A 64 -25.78 -4.13 -14.09
N LEU A 65 -25.26 -3.50 -13.04
CA LEU A 65 -25.73 -2.14 -12.65
C LEU A 65 -24.87 -0.99 -13.20
N THR A 66 -23.91 -1.26 -14.08
CA THR A 66 -23.07 -0.22 -14.71
C THR A 66 -23.06 -0.46 -16.23
N LYS A 67 -24.22 -0.65 -16.84
CA LYS A 67 -24.30 -1.05 -18.27
C LYS A 67 -23.59 -0.06 -19.20
N PRO A 68 -23.67 1.28 -19.04
CA PRO A 68 -23.07 2.19 -20.00
C PRO A 68 -21.55 1.94 -20.17
N TRP A 69 -20.91 1.39 -19.14
CA TRP A 69 -19.45 1.14 -19.15
C TRP A 69 -19.11 -0.15 -19.91
N ASP A 70 -20.11 -0.93 -20.33
CA ASP A 70 -19.85 -2.20 -21.10
C ASP A 70 -19.20 -1.89 -22.47
N ILE A 71 -19.26 -0.65 -22.95
CA ILE A 71 -18.74 -0.25 -24.28
C ILE A 71 -17.57 0.73 -24.10
N ILE A 72 -17.03 0.89 -22.89
CA ILE A 72 -15.86 1.78 -22.61
C ILE A 72 -14.63 0.90 -22.43
N PRO A 73 -13.70 0.87 -23.42
CA PRO A 73 -12.52 0.01 -23.34
C PRO A 73 -11.63 0.21 -22.12
N MET A 74 -11.46 1.43 -21.63
CA MET A 74 -10.65 1.65 -20.41
C MET A 74 -11.23 0.83 -19.24
N VAL A 75 -12.55 0.62 -19.21
CA VAL A 75 -13.18 -0.23 -18.15
C VAL A 75 -13.07 -1.70 -18.53
N THR A 76 -13.48 -2.08 -19.73
CA THR A 76 -13.66 -3.50 -20.10
C THR A 76 -12.31 -4.21 -20.23
N GLN A 77 -11.27 -3.48 -20.65
CA GLN A 77 -9.91 -4.05 -20.81
C GLN A 77 -9.29 -4.39 -19.46
N MET A 78 -9.72 -3.72 -18.38
CA MET A 78 -9.11 -3.95 -17.04
C MET A 78 -9.36 -5.38 -16.58
N ALA A 79 -10.45 -6.01 -17.01
CA ALA A 79 -10.82 -7.39 -16.59
C ALA A 79 -10.09 -8.45 -17.43
N MET A 80 -9.42 -8.10 -18.53
CA MET A 80 -8.84 -9.11 -19.46
C MET A 80 -7.42 -9.49 -19.00
N THR A 81 -6.92 -10.66 -19.41
CA THR A 81 -5.48 -11.03 -19.33
C THR A 81 -5.25 -12.44 -18.81
N PHE A 92 7.66 -6.00 -14.24
CA PHE A 92 8.73 -6.49 -15.14
C PHE A 92 9.69 -7.38 -14.34
N LYS A 93 9.90 -8.63 -14.78
CA LYS A 93 10.80 -9.63 -14.13
C LYS A 93 12.21 -9.53 -14.76
N GLU A 94 12.42 -8.53 -15.64
CA GLU A 94 13.74 -8.10 -16.18
C GLU A 94 14.15 -6.80 -15.47
N LYS A 95 13.44 -6.43 -14.41
CA LYS A 95 13.83 -5.40 -13.41
C LYS A 95 14.27 -6.06 -12.10
N VAL A 96 13.74 -7.25 -11.78
CA VAL A 96 14.18 -8.05 -10.59
C VAL A 96 15.61 -8.54 -10.85
N ASP A 97 15.96 -8.86 -12.11
CA ASP A 97 17.32 -9.33 -12.51
C ASP A 97 18.15 -8.12 -13.00
N THR A 98 18.17 -7.01 -12.25
CA THR A 98 19.12 -5.87 -12.43
C THR A 98 19.91 -5.67 -11.11
N ARG A 99 20.91 -4.80 -11.13
CA ARG A 99 21.83 -4.56 -9.98
C ARG A 99 21.91 -3.05 -9.69
N THR A 100 22.16 -2.67 -8.45
CA THR A 100 22.36 -1.26 -8.01
C THR A 100 23.81 -1.09 -7.56
N GLN A 101 24.51 -0.06 -8.06
CA GLN A 101 25.91 0.23 -7.68
C GLN A 101 25.96 0.67 -6.20
N GLU A 102 27.11 0.46 -5.54
CA GLU A 102 27.39 0.91 -4.15
C GLU A 102 27.40 2.44 -4.12
N PRO A 103 26.63 3.09 -3.21
CA PRO A 103 26.73 4.53 -3.03
C PRO A 103 28.16 4.93 -2.65
N LYS A 104 28.54 6.16 -2.96
CA LYS A 104 29.83 6.81 -2.60
C LYS A 104 29.89 7.00 -1.08
N GLU A 105 31.08 7.28 -0.56
CA GLU A 105 31.37 7.33 0.89
C GLU A 105 30.55 8.45 1.55
N GLY A 106 30.48 9.62 0.92
CA GLY A 106 29.71 10.78 1.40
C GLY A 106 28.20 10.45 1.45
N THR A 107 27.66 9.73 0.47
CA THR A 107 26.23 9.28 0.46
C THR A 107 25.98 8.33 1.64
N LYS A 108 26.77 7.26 1.79
CA LYS A 108 26.69 6.30 2.91
C LYS A 108 26.73 7.01 4.27
N LYS A 109 27.59 8.01 4.44
CA LYS A 109 27.64 8.84 5.67
C LYS A 109 26.32 9.59 5.91
N LEU A 110 25.80 10.33 4.89
CA LEU A 110 24.53 11.11 4.99
C LEU A 110 23.39 10.16 5.43
N MET A 111 23.33 8.99 4.81
CA MET A 111 22.26 7.98 5.08
C MET A 111 22.38 7.45 6.53
N LYS A 112 23.60 7.18 7.02
CA LYS A 112 23.81 6.60 8.36
C LYS A 112 23.45 7.63 9.42
N ILE A 113 23.93 8.87 9.29
CA ILE A 113 23.59 9.98 10.23
C ILE A 113 22.08 10.18 10.23
N THR A 114 21.48 10.26 9.04
CA THR A 114 20.02 10.53 8.92
C THR A 114 19.22 9.38 9.52
N ALA A 115 19.58 8.15 9.19
CA ALA A 115 18.85 6.95 9.67
C ALA A 115 18.94 6.86 11.21
N GLU A 116 20.12 7.13 11.76
CA GLU A 116 20.34 7.07 13.24
C GLU A 116 19.40 8.09 13.88
N TRP A 117 19.40 9.31 13.37
CA TRP A 117 18.57 10.41 13.90
C TRP A 117 17.07 10.05 13.75
N LEU A 118 16.68 9.41 12.65
CA LEU A 118 15.23 9.20 12.36
C LEU A 118 14.66 8.11 13.29
N TRP A 119 15.37 7.01 13.50
CA TRP A 119 14.95 5.95 14.47
C TRP A 119 14.81 6.52 15.89
N LYS A 120 15.73 7.39 16.31
CA LYS A 120 15.60 8.07 17.62
C LYS A 120 14.33 8.91 17.62
N GLU A 121 14.04 9.68 16.58
CA GLU A 121 12.82 10.52 16.60
C GLU A 121 11.59 9.62 16.64
N LEU A 122 11.60 8.52 15.86
CA LEU A 122 10.36 7.69 15.78
C LEU A 122 10.16 6.99 17.13
N GLY A 123 11.25 6.73 17.83
CA GLY A 123 11.28 5.97 19.10
C GLY A 123 11.07 6.84 20.34
N LYS A 124 11.08 8.18 20.24
CA LYS A 124 10.91 9.07 21.43
C LYS A 124 9.61 8.74 22.18
N LYS A 125 8.49 8.53 21.49
CA LYS A 125 7.17 8.32 22.15
C LYS A 125 6.64 6.90 21.90
N LYS A 126 7.48 5.96 21.48
CA LYS A 126 7.06 4.56 21.21
C LYS A 126 8.06 3.62 21.85
N THR A 127 7.63 2.39 22.18
CA THR A 127 8.48 1.34 22.77
C THR A 127 8.44 0.10 21.91
N PRO A 128 9.56 -0.31 21.29
CA PRO A 128 9.57 -1.52 20.50
C PRO A 128 9.15 -2.69 21.42
N ARG A 129 8.48 -3.68 20.85
CA ARG A 129 7.96 -4.84 21.62
C ARG A 129 7.62 -5.96 20.64
N MET A 130 7.60 -7.20 21.15
CA MET A 130 7.25 -8.36 20.33
C MET A 130 5.74 -8.44 20.19
N CYS A 131 5.29 -8.86 19.01
CA CYS A 131 3.89 -9.19 18.71
C CYS A 131 3.68 -10.68 19.04
N THR A 132 2.46 -11.06 19.39
CA THR A 132 2.18 -12.33 20.12
C THR A 132 1.49 -13.32 19.19
N ARG A 133 1.68 -14.61 19.46
CA ARG A 133 0.88 -15.72 18.86
C ARG A 133 -0.60 -15.33 18.90
N GLU A 134 -1.05 -14.81 20.04
CA GLU A 134 -2.47 -14.42 20.24
C GLU A 134 -2.83 -13.39 19.18
N GLU A 135 -2.01 -12.34 19.03
CA GLU A 135 -2.24 -11.24 18.05
C GLU A 135 -2.23 -11.76 16.61
N PHE A 136 -1.26 -12.64 16.28
CA PHE A 136 -1.10 -13.28 14.96
C PHE A 136 -2.36 -14.13 14.65
N THR A 137 -2.77 -14.96 15.62
CA THR A 137 -3.98 -15.82 15.52
C THR A 137 -5.23 -14.98 15.22
N ARG A 138 -5.37 -13.82 15.87
CA ARG A 138 -6.59 -12.97 15.69
C ARG A 138 -6.63 -12.36 14.28
N LYS A 139 -5.48 -11.97 13.74
CA LYS A 139 -5.36 -11.34 12.39
C LYS A 139 -5.64 -12.40 11.30
N VAL A 140 -5.20 -13.64 11.52
CA VAL A 140 -5.47 -14.77 10.56
C VAL A 140 -6.97 -15.08 10.59
N ARG A 141 -7.62 -15.00 11.77
CA ARG A 141 -9.05 -15.39 11.96
C ARG A 141 -9.98 -14.21 11.62
N SER A 142 -9.51 -13.20 10.90
CA SER A 142 -10.33 -12.07 10.40
C SER A 142 -9.82 -11.58 9.03
N ASN A 143 -9.28 -12.48 8.21
CA ASN A 143 -8.94 -12.25 6.78
C ASN A 143 -7.98 -11.06 6.63
N ALA A 144 -6.68 -11.27 6.88
CA ALA A 144 -5.60 -10.36 6.46
C ALA A 144 -4.94 -10.94 5.20
N ALA A 145 -4.25 -10.12 4.42
CA ALA A 145 -3.38 -10.52 3.29
C ALA A 145 -1.96 -10.72 3.83
N LEU A 146 -1.71 -11.87 4.46
CA LEU A 146 -0.42 -12.20 5.14
C LEU A 146 0.55 -12.86 4.15
N GLY A 147 0.06 -13.28 2.97
CA GLY A 147 0.89 -13.85 1.88
C GLY A 147 1.67 -15.09 2.31
N ALA A 148 0.98 -16.17 2.71
CA ALA A 148 1.56 -17.49 3.06
C ALA A 148 1.15 -18.53 2.01
N ILE A 149 1.76 -19.72 2.05
CA ILE A 149 1.54 -20.81 1.04
C ILE A 149 0.45 -21.77 1.56
N ASN A 154 2.88 -28.68 1.77
CA ASN A 154 1.62 -28.44 2.51
C ASN A 154 1.51 -29.43 3.68
N LYS A 155 0.49 -29.25 4.53
CA LYS A 155 0.25 -30.05 5.76
C LYS A 155 -1.16 -29.74 6.31
N TRP A 156 -1.50 -28.44 6.43
CA TRP A 156 -2.86 -27.91 6.73
C TRP A 156 -3.40 -27.21 5.48
N LYS A 157 -4.73 -27.16 5.31
CA LYS A 157 -5.38 -26.51 4.15
C LYS A 157 -5.01 -25.02 4.14
N SER A 158 -5.59 -24.23 5.06
CA SER A 158 -5.45 -22.76 5.16
C SER A 158 -4.66 -22.40 6.42
N ALA A 159 -4.40 -21.10 6.60
CA ALA A 159 -3.70 -20.51 7.77
C ALA A 159 -4.57 -20.70 9.02
N ARG A 160 -5.87 -20.44 8.89
CA ARG A 160 -6.88 -20.64 9.97
C ARG A 160 -6.65 -22.00 10.66
N GLU A 161 -6.37 -23.06 9.90
CA GLU A 161 -6.21 -24.46 10.41
C GLU A 161 -4.84 -24.63 11.08
N ALA A 162 -3.75 -24.14 10.47
CA ALA A 162 -2.37 -24.27 10.97
C ALA A 162 -2.28 -23.64 12.38
N VAL A 163 -3.01 -22.55 12.57
CA VAL A 163 -2.95 -21.65 13.75
C VAL A 163 -3.65 -22.33 14.94
N GLU A 164 -4.62 -23.21 14.68
CA GLU A 164 -5.41 -23.94 15.72
C GLU A 164 -4.79 -25.32 15.97
N ASP A 165 -3.51 -25.53 15.67
CA ASP A 165 -2.83 -26.86 15.70
C ASP A 165 -1.42 -26.71 16.27
N SER A 166 -1.17 -27.36 17.41
CA SER A 166 0.06 -27.23 18.23
C SER A 166 1.29 -27.74 17.47
N GLY A 167 1.11 -28.54 16.42
CA GLY A 167 2.21 -29.07 15.59
C GLY A 167 2.94 -27.94 14.88
N PHE A 168 2.18 -27.08 14.18
CA PHE A 168 2.63 -25.78 13.61
C PHE A 168 3.56 -25.07 14.60
N TRP A 169 3.04 -24.76 15.79
CA TRP A 169 3.79 -23.94 16.78
C TRP A 169 5.09 -24.65 17.19
N GLU A 170 5.18 -25.98 17.08
CA GLU A 170 6.45 -26.73 17.34
C GLU A 170 7.42 -26.47 16.18
N LEU A 171 6.92 -26.39 14.95
CA LEU A 171 7.75 -26.03 13.76
C LEU A 171 8.28 -24.61 13.98
N VAL A 172 7.37 -23.66 14.24
CA VAL A 172 7.68 -22.24 14.63
C VAL A 172 8.75 -22.26 15.72
N ASP A 173 8.54 -23.02 16.80
CA ASP A 173 9.51 -23.14 17.94
C ASP A 173 10.88 -23.58 17.40
N LYS A 174 10.93 -24.61 16.57
CA LYS A 174 12.25 -25.13 16.11
C LYS A 174 12.99 -23.99 15.41
N GLU A 175 12.36 -23.33 14.43
CA GLU A 175 12.99 -22.23 13.66
C GLU A 175 13.37 -21.09 14.61
N ARG A 176 12.46 -20.76 15.54
CA ARG A 176 12.63 -19.66 16.53
C ARG A 176 13.93 -19.88 17.31
N ASN A 177 14.16 -21.08 17.85
CA ASN A 177 15.40 -21.44 18.58
C ASN A 177 16.59 -21.42 17.63
N LEU A 178 16.41 -21.84 16.36
CA LEU A 178 17.45 -21.71 15.32
C LEU A 178 17.83 -20.22 15.13
N HIS A 179 16.87 -19.30 15.07
CA HIS A 179 17.12 -17.84 14.98
C HIS A 179 17.88 -17.29 16.20
N LEU A 180 17.51 -17.68 17.44
CA LEU A 180 18.26 -17.29 18.68
C LEU A 180 19.71 -17.79 18.56
N GLU A 181 19.92 -18.92 17.89
CA GLU A 181 21.26 -19.53 17.63
C GLU A 181 21.94 -18.85 16.42
N GLY A 182 21.25 -17.92 15.73
CA GLY A 182 21.83 -17.12 14.63
C GLY A 182 21.87 -17.85 13.31
N LYS A 183 20.94 -18.79 13.08
CA LYS A 183 20.89 -19.70 11.91
C LYS A 183 19.43 -19.84 11.43
N CYS A 184 19.21 -20.29 10.19
CA CYS A 184 17.89 -20.37 9.52
C CYS A 184 17.79 -21.68 8.71
N GLU A 185 16.63 -22.33 8.70
CA GLU A 185 16.42 -23.60 7.95
C GLU A 185 15.22 -23.49 6.99
N THR A 186 14.16 -22.75 7.33
CA THR A 186 12.86 -22.84 6.61
C THR A 186 12.35 -21.49 6.09
N CYS A 187 13.01 -20.36 6.36
CA CYS A 187 12.55 -19.00 5.92
C CYS A 187 12.99 -18.76 4.47
N VAL A 188 12.22 -19.30 3.52
CA VAL A 188 12.50 -19.26 2.05
C VAL A 188 11.37 -18.51 1.32
N TYR A 189 11.72 -17.66 0.36
CA TYR A 189 10.71 -16.92 -0.45
C TYR A 189 10.26 -17.76 -1.65
N ASN A 190 8.97 -17.62 -2.00
CA ASN A 190 8.34 -18.14 -3.23
C ASN A 190 7.88 -16.94 -4.09
N MET A 191 8.36 -16.83 -5.33
CA MET A 191 8.12 -15.66 -6.22
C MET A 191 6.80 -15.85 -6.98
N MET A 192 6.16 -14.74 -7.38
CA MET A 192 4.90 -14.69 -8.20
C MET A 192 4.53 -13.24 -8.53
N SER A 208 5.09 -3.87 -13.01
CA SER A 208 6.04 -3.38 -11.97
C SER A 208 5.60 -3.83 -10.57
N ARG A 209 5.39 -5.14 -10.40
CA ARG A 209 4.99 -5.78 -9.11
C ARG A 209 5.88 -7.01 -8.86
N ALA A 210 5.75 -7.62 -7.68
CA ALA A 210 6.49 -8.84 -7.23
C ALA A 210 6.15 -9.14 -5.77
N ILE A 211 5.43 -10.24 -5.51
CA ILE A 211 4.95 -10.64 -4.15
C ILE A 211 5.65 -11.95 -3.75
N TRP A 212 6.43 -11.90 -2.68
CA TRP A 212 7.31 -13.00 -2.20
C TRP A 212 6.59 -13.68 -1.03
N TYR A 213 5.83 -14.75 -1.30
CA TYR A 213 5.14 -15.60 -0.29
C TYR A 213 6.17 -16.45 0.47
N MET A 214 6.02 -16.54 1.80
CA MET A 214 6.76 -17.52 2.64
C MET A 214 5.71 -18.40 3.31
N TRP A 215 6.13 -19.50 3.95
CA TRP A 215 5.18 -20.31 4.75
C TRP A 215 4.78 -19.52 6.00
N LEU A 216 3.59 -19.81 6.52
CA LEU A 216 2.93 -19.04 7.59
C LEU A 216 3.89 -18.89 8.79
N GLY A 217 4.69 -19.91 9.08
CA GLY A 217 5.63 -19.93 10.20
C GLY A 217 6.67 -18.83 10.10
N ALA A 218 7.28 -18.68 8.93
CA ALA A 218 8.25 -17.58 8.61
C ALA A 218 7.58 -16.22 8.80
N ARG A 219 6.33 -16.08 8.34
CA ARG A 219 5.51 -14.85 8.47
C ARG A 219 5.31 -14.51 9.95
N PHE A 220 5.03 -15.52 10.78
CA PHE A 220 4.84 -15.33 12.24
C PHE A 220 6.12 -14.73 12.81
N LEU A 221 7.24 -15.35 12.51
CA LEU A 221 8.56 -14.94 13.05
C LEU A 221 8.86 -13.50 12.63
N GLU A 222 8.50 -13.15 11.38
CA GLU A 222 8.65 -11.76 10.86
C GLU A 222 7.74 -10.83 11.69
N PHE A 223 6.47 -11.21 11.87
CA PHE A 223 5.44 -10.41 12.60
C PHE A 223 5.82 -10.26 14.08
N GLU A 224 6.37 -11.31 14.67
CA GLU A 224 6.77 -11.32 16.10
C GLU A 224 7.84 -10.24 16.33
N ALA A 225 8.77 -10.10 15.38
CA ALA A 225 9.97 -9.26 15.58
C ALA A 225 9.72 -7.83 15.14
N LEU A 226 8.89 -7.61 14.11
CA LEU A 226 8.83 -6.27 13.42
C LEU A 226 7.39 -5.79 13.24
N GLY A 227 6.40 -6.58 13.67
CA GLY A 227 4.97 -6.23 13.63
C GLY A 227 4.65 -4.95 14.38
N PHE A 228 5.40 -4.65 15.43
CA PHE A 228 5.19 -3.43 16.26
C PHE A 228 5.18 -2.15 15.40
N LEU A 229 5.92 -2.11 14.29
CA LEU A 229 6.02 -0.87 13.46
C LEU A 229 4.63 -0.50 12.94
N ASN A 230 3.87 -1.49 12.52
CA ASN A 230 2.47 -1.28 12.03
C ASN A 230 1.46 -1.33 13.18
N GLU A 231 1.55 -2.34 14.05
CA GLU A 231 0.55 -2.56 15.15
C GLU A 231 0.54 -1.36 16.10
N ASP A 232 1.69 -0.72 16.34
CA ASP A 232 1.80 0.46 17.27
C ASP A 232 2.01 1.79 16.52
N HIS A 233 1.79 1.81 15.21
CA HIS A 233 1.57 3.06 14.43
C HIS A 233 2.81 3.97 14.49
N TRP A 234 3.97 3.40 14.26
CA TRP A 234 5.25 4.15 14.21
C TRP A 234 5.22 5.19 13.06
N PHE A 235 4.51 4.88 11.97
CA PHE A 235 4.41 5.78 10.78
C PHE A 235 3.08 6.53 10.74
N SER A 236 2.35 6.66 11.87
CA SER A 236 1.23 7.64 11.97
C SER A 236 1.78 9.05 11.71
N ARG A 237 0.96 9.98 11.26
CA ARG A 237 1.39 11.39 11.09
C ARG A 237 1.79 12.00 12.45
N GLU A 238 1.05 11.72 13.52
CA GLU A 238 1.37 12.26 14.88
C GLU A 238 2.77 11.78 15.27
N ASN A 239 3.12 10.53 15.05
CA ASN A 239 4.43 10.00 15.49
C ASN A 239 5.59 10.38 14.56
N SER A 240 5.45 10.32 13.22
CA SER A 240 6.58 10.37 12.24
C SER A 240 6.63 11.71 11.46
N LEU A 241 5.58 12.53 11.55
CA LEU A 241 5.37 13.88 10.97
C LEU A 241 5.18 13.83 9.44
N SER A 242 5.96 12.99 8.74
CA SER A 242 5.86 12.79 7.26
C SER A 242 4.83 11.72 6.92
N GLY A 243 4.67 10.75 7.81
CA GLY A 243 3.88 9.54 7.55
C GLY A 243 2.39 9.84 7.52
N VAL A 244 1.63 8.89 6.99
CA VAL A 244 0.16 8.93 6.87
C VAL A 244 -0.41 7.55 7.23
N GLU A 245 0.32 6.71 7.95
CA GLU A 245 -0.18 5.34 8.31
C GLU A 245 -1.45 5.47 9.16
N GLY A 246 -2.53 4.80 8.78
CA GLY A 246 -3.82 4.85 9.51
C GLY A 246 -4.71 6.05 9.17
N GLU A 247 -4.25 6.87 8.20
CA GLU A 247 -5.05 7.97 7.60
C GLU A 247 -5.91 7.40 6.47
N GLY A 248 -7.22 7.48 6.65
CA GLY A 248 -8.18 7.22 5.58
C GLY A 248 -8.00 8.19 4.43
N LEU A 249 -8.35 7.73 3.26
N LEU A 249 -8.31 7.73 3.21
CA LEU A 249 -8.41 8.50 2.00
CA LEU A 249 -8.42 8.54 1.97
C LEU A 249 -9.16 9.83 2.20
C LEU A 249 -9.07 9.88 2.28
N HIS A 250 -10.05 9.91 3.19
CA HIS A 250 -10.77 11.16 3.56
C HIS A 250 -9.90 12.16 4.35
N LYS A 251 -8.69 11.77 4.75
CA LYS A 251 -7.76 12.67 5.47
C LYS A 251 -6.64 13.14 4.53
N LEU A 252 -6.32 12.38 3.48
CA LEU A 252 -5.07 12.64 2.71
C LEU A 252 -5.13 14.00 2.03
N GLY A 253 -6.31 14.43 1.55
CA GLY A 253 -6.40 15.73 0.87
C GLY A 253 -6.20 16.85 1.87
N TYR A 254 -6.81 16.73 3.06
CA TYR A 254 -6.60 17.74 4.12
C TYR A 254 -5.12 17.81 4.50
N ILE A 255 -4.45 16.66 4.57
CA ILE A 255 -3.00 16.65 4.89
C ILE A 255 -2.21 17.40 3.79
N LEU A 256 -2.47 17.13 2.51
CA LEU A 256 -1.77 17.82 1.41
C LEU A 256 -2.06 19.32 1.47
N ARG A 257 -3.31 19.73 1.74
CA ARG A 257 -3.65 21.18 1.85
C ARG A 257 -2.87 21.80 3.03
N ASP A 258 -2.67 21.07 4.12
CA ASP A 258 -1.89 21.62 5.28
C ASP A 258 -0.40 21.80 4.87
N VAL A 259 0.18 20.87 4.15
CA VAL A 259 1.55 20.99 3.60
C VAL A 259 1.62 22.21 2.68
N SER A 260 0.61 22.46 1.84
CA SER A 260 0.55 23.61 0.91
C SER A 260 0.62 24.94 1.67
N LYS A 261 0.19 25.01 2.91
CA LYS A 261 0.13 26.27 3.70
C LYS A 261 1.53 26.73 4.15
N LYS A 262 2.51 25.82 4.18
CA LYS A 262 3.92 26.13 4.49
C LYS A 262 4.46 27.10 3.44
N GLU A 263 5.27 28.07 3.86
CA GLU A 263 6.06 28.87 2.90
C GLU A 263 7.04 27.92 2.20
N GLY A 264 7.20 28.05 0.89
CA GLY A 264 8.29 27.35 0.20
C GLY A 264 8.05 27.30 -1.29
N GLY A 265 8.63 26.33 -1.96
CA GLY A 265 8.57 26.23 -3.42
C GLY A 265 7.37 25.43 -3.91
N ALA A 266 7.49 24.86 -5.11
CA ALA A 266 6.50 23.96 -5.71
C ALA A 266 6.33 22.73 -4.81
N MET A 267 5.25 21.97 -5.02
CA MET A 267 5.10 20.63 -4.43
C MET A 267 5.65 19.58 -5.41
N TYR A 268 6.58 18.75 -4.98
CA TYR A 268 7.26 17.76 -5.81
C TYR A 268 6.70 16.39 -5.43
N ALA A 269 6.40 15.62 -6.46
CA ALA A 269 5.83 14.26 -6.31
C ALA A 269 6.50 13.35 -7.32
N ASP A 270 7.80 13.11 -7.17
CA ASP A 270 8.56 12.27 -8.12
C ASP A 270 8.37 10.81 -7.71
N ASP A 271 7.92 9.97 -8.63
CA ASP A 271 7.86 8.51 -8.42
C ASP A 271 9.23 7.92 -8.72
N THR A 272 9.64 6.91 -7.97
CA THR A 272 10.87 6.13 -8.22
C THR A 272 10.56 5.02 -9.22
N ALA A 273 11.47 4.76 -10.14
CA ALA A 273 11.35 3.60 -11.04
C ALA A 273 11.72 2.33 -10.25
N GLY A 274 10.73 1.50 -9.91
CA GLY A 274 10.87 0.17 -9.29
C GLY A 274 11.52 0.25 -7.92
N TRP A 275 10.89 0.96 -6.99
CA TRP A 275 11.45 1.26 -5.67
C TRP A 275 12.06 0.00 -5.01
N ASP A 276 11.32 -1.10 -4.97
CA ASP A 276 11.69 -2.35 -4.22
C ASP A 276 13.01 -2.92 -4.78
N THR A 277 13.24 -2.79 -6.09
CA THR A 277 14.45 -3.29 -6.77
C THR A 277 15.64 -2.34 -6.55
N ARG A 278 15.45 -1.11 -6.05
CA ARG A 278 16.54 -0.13 -5.82
C ARG A 278 16.91 -0.04 -4.35
N ILE A 279 16.37 -0.92 -3.50
CA ILE A 279 16.78 -1.00 -2.08
C ILE A 279 18.18 -1.64 -2.01
N THR A 280 19.17 -0.89 -1.55
CA THR A 280 20.59 -1.32 -1.51
C THR A 280 20.89 -2.06 -0.21
N LEU A 281 22.02 -2.77 -0.17
CA LEU A 281 22.44 -3.42 1.10
C LEU A 281 22.67 -2.33 2.15
N GLU A 282 23.10 -1.13 1.76
CA GLU A 282 23.30 0.00 2.71
C GLU A 282 21.95 0.43 3.32
N ASP A 283 20.91 0.55 2.49
CA ASP A 283 19.51 0.76 2.95
C ASP A 283 19.12 -0.30 4.00
N LEU A 284 19.34 -1.59 3.72
CA LEU A 284 18.93 -2.70 4.64
C LEU A 284 19.68 -2.62 5.98
N LYS A 285 20.94 -2.17 5.98
CA LYS A 285 21.77 -1.97 7.20
C LYS A 285 21.28 -0.75 7.97
N ASN A 286 20.88 0.32 7.31
CA ASN A 286 20.30 1.48 8.03
C ASN A 286 18.93 1.13 8.63
N GLU A 287 18.10 0.36 7.93
CA GLU A 287 16.78 -0.12 8.46
C GLU A 287 17.01 -0.98 9.73
N GLU A 288 18.02 -1.87 9.71
N GLU A 288 18.03 -1.86 9.69
CA GLU A 288 18.31 -2.80 10.83
CA GLU A 288 18.41 -2.80 10.78
C GLU A 288 18.65 -2.04 12.12
C GLU A 288 18.68 -2.06 12.09
N MET A 289 19.10 -0.78 12.03
CA MET A 289 19.43 0.02 13.24
C MET A 289 18.22 0.22 14.15
N VAL A 290 16.99 -0.09 13.72
CA VAL A 290 15.85 -0.10 14.68
C VAL A 290 16.16 -1.07 15.83
N THR A 291 16.88 -2.17 15.59
CA THR A 291 17.28 -3.16 16.65
C THR A 291 18.12 -2.53 17.77
N ASN A 292 18.81 -1.41 17.50
CA ASN A 292 19.57 -0.64 18.52
C ASN A 292 18.65 -0.13 19.64
N HIS A 293 17.34 -0.10 19.41
CA HIS A 293 16.34 0.46 20.37
C HIS A 293 15.64 -0.67 21.13
N MET A 294 16.03 -1.91 20.85
CA MET A 294 15.38 -3.12 21.41
C MET A 294 16.26 -3.70 22.53
N GLU A 295 15.80 -4.76 23.18
CA GLU A 295 16.51 -5.44 24.29
C GLU A 295 16.06 -6.89 24.37
N GLY A 296 16.84 -7.70 25.09
CA GLY A 296 16.49 -9.09 25.43
C GLY A 296 16.37 -9.94 24.19
N GLU A 297 15.43 -10.89 24.25
CA GLU A 297 15.02 -11.83 23.18
C GLU A 297 14.65 -11.02 21.93
N HIS A 298 13.84 -9.98 22.10
CA HIS A 298 13.28 -9.21 20.96
C HIS A 298 14.44 -8.75 20.08
N LYS A 299 15.45 -8.12 20.69
CA LYS A 299 16.63 -7.62 19.97
C LYS A 299 17.22 -8.75 19.12
N LYS A 300 17.35 -9.96 19.68
CA LYS A 300 18.03 -11.08 18.99
C LYS A 300 17.13 -11.62 17.89
N LEU A 301 15.82 -11.75 18.14
CA LEU A 301 14.85 -12.24 17.12
C LEU A 301 14.81 -11.27 15.91
N ALA A 302 14.83 -9.96 16.15
CA ALA A 302 14.77 -8.90 15.10
C ALA A 302 16.07 -8.91 14.31
N GLU A 303 17.21 -9.00 15.00
CA GLU A 303 18.55 -9.05 14.37
C GLU A 303 18.61 -10.24 13.41
N ALA A 304 17.97 -11.36 13.75
CA ALA A 304 17.96 -12.60 12.94
C ALA A 304 17.07 -12.38 11.70
N ILE A 305 15.90 -11.76 11.85
CA ILE A 305 15.07 -11.46 10.65
C ILE A 305 15.94 -10.63 9.69
N PHE A 306 16.51 -9.51 10.13
CA PHE A 306 17.29 -8.59 9.27
C PHE A 306 18.48 -9.33 8.63
N LYS A 307 19.27 -10.05 9.44
CA LYS A 307 20.50 -10.79 8.99
C LYS A 307 20.16 -11.96 8.07
N LEU A 308 19.23 -12.82 8.46
CA LEU A 308 19.11 -14.17 7.85
C LEU A 308 18.09 -14.17 6.71
N THR A 309 17.08 -13.28 6.74
CA THR A 309 15.98 -13.29 5.74
C THR A 309 16.00 -12.02 4.87
N TYR A 310 16.43 -10.86 5.35
CA TYR A 310 16.36 -9.59 4.57
C TYR A 310 17.69 -9.34 3.86
N GLN A 311 18.81 -9.42 4.58
CA GLN A 311 20.16 -9.13 4.04
C GLN A 311 20.76 -10.37 3.34
N ASN A 312 20.10 -11.52 3.47
CA ASN A 312 20.38 -12.80 2.76
C ASN A 312 19.03 -13.43 2.45
N LYS A 313 18.74 -13.70 1.18
CA LYS A 313 17.41 -14.19 0.77
C LYS A 313 17.59 -15.47 -0.05
N VAL A 314 16.68 -16.41 0.12
CA VAL A 314 16.61 -17.67 -0.67
C VAL A 314 15.22 -17.70 -1.26
N VAL A 315 15.14 -17.90 -2.57
CA VAL A 315 13.88 -17.72 -3.33
C VAL A 315 13.71 -18.90 -4.27
N ARG A 316 12.47 -19.35 -4.44
CA ARG A 316 12.13 -20.40 -5.43
C ARG A 316 11.23 -19.76 -6.50
N VAL A 317 11.59 -19.93 -7.77
CA VAL A 317 10.96 -19.24 -8.93
C VAL A 317 10.55 -20.30 -9.97
N GLN A 318 9.28 -20.29 -10.40
CA GLN A 318 8.73 -21.11 -11.52
C GLN A 318 9.35 -20.65 -12.83
N ARG A 319 10.13 -21.51 -13.50
CA ARG A 319 10.64 -21.29 -14.89
C ARG A 319 9.91 -22.25 -15.83
N PRO A 320 9.35 -21.77 -16.97
CA PRO A 320 8.60 -22.63 -17.90
C PRO A 320 9.44 -23.68 -18.66
N THR A 321 10.68 -23.32 -19.03
CA THR A 321 11.62 -24.16 -19.83
C THR A 321 11.74 -25.55 -19.19
N THR A 325 8.92 -27.39 -16.88
CA THR A 325 8.73 -26.54 -15.67
C THR A 325 9.65 -27.04 -14.55
N VAL A 326 10.75 -26.33 -14.29
CA VAL A 326 11.61 -26.55 -13.09
C VAL A 326 11.27 -25.50 -12.03
N MET A 327 11.87 -25.68 -10.85
CA MET A 327 11.91 -24.67 -9.75
C MET A 327 13.37 -24.25 -9.58
N ASP A 328 13.68 -22.97 -9.74
CA ASP A 328 15.04 -22.41 -9.53
C ASP A 328 15.16 -21.94 -8.07
N ILE A 329 16.29 -22.27 -7.44
CA ILE A 329 16.64 -21.86 -6.06
C ILE A 329 17.79 -20.87 -6.20
N ILE A 330 17.46 -19.59 -6.05
CA ILE A 330 18.38 -18.45 -6.29
C ILE A 330 18.49 -17.65 -4.99
N SER A 331 19.53 -16.85 -4.84
CA SER A 331 19.78 -16.02 -3.64
C SER A 331 20.29 -14.66 -4.07
N ARG A 332 20.09 -13.63 -3.24
CA ARG A 332 20.80 -12.34 -3.32
C ARG A 332 20.70 -11.62 -1.99
N ARG A 333 21.53 -10.61 -1.81
CA ARG A 333 21.71 -9.92 -0.51
C ARG A 333 20.75 -8.70 -0.44
N ASP A 334 20.50 -8.01 -1.55
CA ASP A 334 19.83 -6.67 -1.57
C ASP A 334 18.43 -6.75 -2.21
N GLN A 335 17.82 -5.59 -2.47
CA GLN A 335 16.40 -5.43 -2.84
C GLN A 335 15.49 -5.73 -1.65
N ARG A 336 14.25 -5.28 -1.77
CA ARG A 336 13.17 -5.51 -0.79
C ARG A 336 12.49 -6.83 -1.09
N GLY A 337 12.43 -7.67 -0.05
CA GLY A 337 11.66 -8.92 0.05
C GLY A 337 11.37 -9.18 1.52
N SER A 338 10.24 -8.67 1.97
CA SER A 338 9.68 -8.81 3.34
C SER A 338 8.19 -9.05 3.11
N GLY A 339 7.42 -9.42 4.13
CA GLY A 339 5.96 -9.30 4.11
C GLY A 339 5.55 -7.89 3.70
N GLN A 340 4.35 -7.75 3.15
CA GLN A 340 3.85 -6.49 2.55
C GLN A 340 3.70 -5.42 3.64
N VAL A 341 3.30 -5.77 4.87
CA VAL A 341 3.07 -4.76 5.94
C VAL A 341 4.41 -4.24 6.45
N VAL A 342 5.38 -5.13 6.73
CA VAL A 342 6.76 -4.70 7.09
C VAL A 342 7.38 -3.91 5.92
N THR A 343 7.21 -4.38 4.69
CA THR A 343 7.70 -3.65 3.49
C THR A 343 7.17 -2.22 3.49
N TYR A 344 5.90 -2.01 3.83
CA TYR A 344 5.29 -0.66 3.84
C TYR A 344 6.05 0.23 4.82
N GLY A 345 6.30 -0.24 6.04
CA GLY A 345 6.92 0.63 7.07
C GLY A 345 8.39 0.92 6.74
N LEU A 346 9.13 -0.05 6.25
CA LEU A 346 10.56 0.15 5.96
C LEU A 346 10.72 1.02 4.69
N ASN A 347 9.86 0.84 3.69
CA ASN A 347 9.76 1.77 2.52
C ASN A 347 9.47 3.19 3.02
N THR A 348 8.51 3.43 3.92
CA THR A 348 8.23 4.77 4.47
C THR A 348 9.51 5.33 5.14
N PHE A 349 10.18 4.51 5.94
CA PHE A 349 11.39 4.93 6.67
C PHE A 349 12.47 5.42 5.69
N THR A 350 12.80 4.58 4.73
CA THR A 350 13.94 4.82 3.80
C THR A 350 13.57 5.96 2.84
N ASN A 351 12.29 6.09 2.50
CA ASN A 351 11.80 7.22 1.68
C ASN A 351 11.91 8.52 2.50
N MET A 352 11.51 8.50 3.78
CA MET A 352 11.63 9.71 4.61
C MET A 352 13.11 10.12 4.66
N GLU A 353 14.00 9.16 4.82
CA GLU A 353 15.47 9.40 4.92
C GLU A 353 15.98 10.03 3.60
N ALA A 354 15.70 9.39 2.48
CA ALA A 354 16.09 9.85 1.14
C ALA A 354 15.58 11.27 0.89
N GLN A 355 14.30 11.58 1.17
CA GLN A 355 13.75 12.92 0.91
C GLN A 355 14.36 13.98 1.84
N LEU A 356 14.67 13.66 3.11
CA LEU A 356 15.38 14.64 4.00
C LEU A 356 16.76 14.97 3.40
N ILE A 357 17.46 13.97 2.91
CA ILE A 357 18.80 14.14 2.28
C ILE A 357 18.65 14.97 0.99
N ARG A 358 17.62 14.71 0.17
CA ARG A 358 17.40 15.56 -1.03
C ARG A 358 17.12 16.99 -0.57
N GLN A 359 16.31 17.21 0.47
CA GLN A 359 16.10 18.56 1.04
C GLN A 359 17.48 19.14 1.50
N MET A 360 18.31 18.38 2.20
CA MET A 360 19.64 18.91 2.66
C MET A 360 20.44 19.39 1.43
N GLU A 361 20.50 18.57 0.38
CA GLU A 361 21.25 18.92 -0.83
C GLU A 361 20.72 20.23 -1.41
N GLY A 362 19.41 20.42 -1.47
CA GLY A 362 18.83 21.64 -2.05
C GLY A 362 19.20 22.87 -1.21
N GLU A 363 19.28 22.70 0.12
CA GLU A 363 19.56 23.83 1.03
C GLU A 363 21.08 24.02 1.15
N GLY A 364 21.91 23.27 0.44
CA GLY A 364 23.37 23.48 0.49
C GLY A 364 24.00 23.05 1.82
N VAL A 365 23.46 22.03 2.50
CA VAL A 365 23.98 21.59 3.82
C VAL A 365 25.34 20.89 3.61
N PHE A 366 25.50 20.20 2.50
CA PHE A 366 26.75 19.52 2.06
C PHE A 366 27.00 19.83 0.59
N LYS A 367 28.25 19.78 0.14
CA LYS A 367 28.66 20.33 -1.19
C LYS A 367 28.81 19.17 -2.17
N SER A 368 29.26 18.00 -1.70
CA SER A 368 29.56 16.83 -2.57
C SER A 368 29.28 15.51 -1.84
N ILE A 369 28.80 14.52 -2.60
CA ILE A 369 28.47 13.13 -2.14
C ILE A 369 29.75 12.29 -2.12
N GLN A 370 30.82 12.78 -2.75
CA GLN A 370 32.08 12.01 -2.87
C GLN A 370 32.61 11.73 -1.46
N HIS A 371 32.45 12.71 -0.58
CA HIS A 371 33.13 12.77 0.73
C HIS A 371 32.51 13.88 1.57
N LEU A 372 32.02 13.52 2.75
CA LEU A 372 31.66 14.46 3.83
C LEU A 372 32.93 14.73 4.63
N THR A 373 33.26 16.02 4.80
CA THR A 373 34.35 16.50 5.68
C THR A 373 33.85 16.35 7.11
N VAL A 374 34.73 16.52 8.08
CA VAL A 374 34.40 16.36 9.53
C VAL A 374 33.31 17.39 9.87
N THR A 375 33.45 18.61 9.35
CA THR A 375 32.59 19.76 9.74
C THR A 375 31.26 19.69 8.97
N GLU A 376 31.19 19.00 7.83
CA GLU A 376 29.91 18.78 7.12
C GLU A 376 29.08 17.81 7.98
N GLU A 377 29.70 16.76 8.54
CA GLU A 377 29.01 15.81 9.45
C GLU A 377 28.32 16.58 10.56
N ILE A 378 29.01 17.50 11.21
CA ILE A 378 28.44 18.30 12.34
C ILE A 378 27.34 19.21 11.79
N ALA A 379 27.50 19.75 10.59
CA ALA A 379 26.49 20.64 9.95
C ALA A 379 25.19 19.85 9.69
N VAL A 380 25.31 18.65 9.10
CA VAL A 380 24.19 17.71 8.82
C VAL A 380 23.50 17.35 10.13
N LYS A 381 24.27 16.93 11.15
CA LYS A 381 23.72 16.57 12.49
C LYS A 381 22.95 17.78 13.04
N ASN A 382 23.53 18.97 12.89
CA ASN A 382 22.99 20.22 13.47
C ASN A 382 21.71 20.66 12.74
N TRP A 383 21.69 20.50 11.42
CA TRP A 383 20.47 20.72 10.57
C TRP A 383 19.32 19.82 11.10
N LEU A 384 19.60 18.54 11.27
CA LEU A 384 18.60 17.55 11.76
C LEU A 384 18.04 17.98 13.12
N VAL A 385 18.92 18.32 14.08
CA VAL A 385 18.52 18.69 15.47
C VAL A 385 17.72 19.98 15.38
N ARG A 386 18.17 20.93 14.56
CA ARG A 386 17.60 22.29 14.49
C ARG A 386 16.31 22.30 13.67
N VAL A 387 16.28 21.73 12.46
CA VAL A 387 15.07 21.91 11.58
C VAL A 387 14.49 20.56 11.12
N GLY A 388 15.04 19.41 11.55
CA GLY A 388 14.64 18.06 11.08
C GLY A 388 13.14 17.86 11.16
N ARG A 389 12.54 18.14 12.31
CA ARG A 389 11.10 17.88 12.51
C ARG A 389 10.30 18.83 11.60
N GLU A 390 10.75 20.07 11.41
CA GLU A 390 10.02 21.01 10.52
C GLU A 390 10.05 20.45 9.09
N ARG A 391 11.19 19.89 8.67
CA ARG A 391 11.39 19.44 7.28
C ARG A 391 10.56 18.15 7.06
N LEU A 392 10.38 17.34 8.11
CA LEU A 392 9.54 16.10 8.03
C LEU A 392 8.09 16.53 7.79
N SER A 393 7.66 17.60 8.43
CA SER A 393 6.27 18.10 8.37
C SER A 393 5.98 18.67 6.99
N ARG A 394 7.00 18.84 6.12
CA ARG A 394 6.84 19.41 4.76
C ARG A 394 6.58 18.27 3.78
N MET A 395 6.46 17.04 4.28
CA MET A 395 6.31 15.85 3.43
C MET A 395 5.06 15.04 3.81
N ALA A 396 4.50 14.36 2.81
CA ALA A 396 3.53 13.27 2.97
C ALA A 396 4.09 12.04 2.27
N ILE A 397 4.38 10.99 3.05
CA ILE A 397 5.10 9.80 2.57
C ILE A 397 4.31 8.53 2.95
N SER A 398 3.98 7.77 1.93
CA SER A 398 3.25 6.49 2.01
C SER A 398 4.08 5.45 1.30
N GLY A 399 4.91 4.73 2.05
CA GLY A 399 5.85 3.80 1.42
C GLY A 399 6.70 4.47 0.36
N ASP A 400 6.69 3.98 -0.86
CA ASP A 400 7.52 4.54 -1.97
C ASP A 400 6.92 5.83 -2.54
N ASP A 401 5.75 6.25 -2.08
CA ASP A 401 5.04 7.42 -2.66
C ASP A 401 5.31 8.64 -1.79
N CYS A 402 5.70 9.78 -2.37
CA CYS A 402 5.97 11.01 -1.57
C CYS A 402 5.43 12.25 -2.25
N VAL A 403 5.16 13.24 -1.40
CA VAL A 403 4.94 14.66 -1.80
C VAL A 403 5.82 15.47 -0.85
N VAL A 404 6.58 16.41 -1.39
CA VAL A 404 7.54 17.24 -0.63
C VAL A 404 7.29 18.68 -1.03
N LYS A 405 7.10 19.56 -0.05
CA LYS A 405 7.12 21.03 -0.26
C LYS A 405 8.40 21.57 0.37
N PRO A 406 9.49 21.64 -0.41
CA PRO A 406 10.77 22.10 0.12
C PRO A 406 10.76 23.60 0.40
N LEU A 407 11.83 24.04 1.06
CA LEU A 407 12.04 25.46 1.44
C LEU A 407 12.00 26.34 0.17
N ASP A 408 12.50 25.87 -0.97
CA ASP A 408 12.48 26.64 -2.25
C ASP A 408 12.73 25.66 -3.39
N ASP A 409 12.80 26.14 -4.62
CA ASP A 409 12.88 25.26 -5.81
C ASP A 409 14.32 24.85 -6.12
N ARG A 410 15.31 25.12 -5.28
CA ARG A 410 16.66 24.51 -5.52
C ARG A 410 16.52 22.98 -5.47
N PHE A 411 15.58 22.46 -4.68
CA PHE A 411 15.25 21.01 -4.57
C PHE A 411 15.12 20.34 -5.94
N ALA A 412 14.48 21.03 -6.92
CA ALA A 412 14.18 20.51 -8.26
C ALA A 412 15.44 19.95 -8.95
N SER A 413 16.59 20.61 -8.78
CA SER A 413 17.84 20.21 -9.48
C SER A 413 18.82 19.59 -8.48
N ALA A 414 18.39 19.24 -7.26
CA ALA A 414 19.26 18.61 -6.25
C ALA A 414 19.15 17.09 -6.42
N LEU A 415 19.96 16.51 -7.33
CA LEU A 415 19.74 15.14 -7.85
C LEU A 415 20.92 14.21 -7.53
N THR A 416 22.05 14.68 -7.03
CA THR A 416 23.28 13.85 -6.93
C THR A 416 23.07 12.76 -5.86
N ALA A 417 22.62 13.12 -4.66
CA ALA A 417 22.40 12.12 -3.58
C ALA A 417 21.28 11.16 -4.00
N LEU A 418 20.17 11.68 -4.55
CA LEU A 418 18.99 10.84 -4.91
C LEU A 418 19.40 9.78 -5.95
N ASN A 419 20.14 10.21 -6.99
CA ASN A 419 20.61 9.28 -8.05
C ASN A 419 21.63 8.31 -7.41
N ASP A 420 22.54 8.79 -6.59
CA ASP A 420 23.63 7.93 -6.02
C ASP A 420 23.06 6.94 -4.99
N MET A 421 21.97 7.27 -4.29
CA MET A 421 21.30 6.31 -3.37
C MET A 421 20.57 5.25 -4.19
N GLY A 422 20.46 5.41 -5.53
CA GLY A 422 19.79 4.48 -6.46
C GLY A 422 18.29 4.75 -6.64
N LYS A 423 17.76 5.81 -6.05
CA LYS A 423 16.32 6.18 -6.11
C LYS A 423 16.07 7.06 -7.34
N VAL A 424 16.36 6.49 -8.51
CA VAL A 424 16.25 7.11 -9.85
C VAL A 424 14.78 7.34 -10.17
N ARG A 425 14.46 8.57 -10.59
CA ARG A 425 13.08 9.03 -10.88
C ARG A 425 12.57 8.34 -12.13
N LYS A 426 11.27 8.01 -12.14
CA LYS A 426 10.49 7.43 -13.25
C LYS A 426 10.24 8.49 -14.34
N ASP A 427 10.42 8.16 -15.62
CA ASP A 427 9.89 8.92 -16.80
C ASP A 427 10.43 10.37 -16.85
N ILE A 428 11.73 10.53 -16.62
CA ILE A 428 12.47 11.81 -16.73
C ILE A 428 13.94 11.41 -16.86
N GLN A 429 14.75 12.19 -17.56
CA GLN A 429 16.20 11.88 -17.74
C GLN A 429 16.92 12.16 -16.42
N GLN A 430 17.90 11.33 -16.12
CA GLN A 430 18.65 11.30 -14.85
C GLN A 430 18.92 12.70 -14.32
N TRP A 431 19.33 13.65 -15.16
CA TRP A 431 19.89 14.93 -14.68
C TRP A 431 18.95 16.10 -15.02
N GLU A 432 17.77 15.81 -15.55
CA GLU A 432 16.72 16.81 -15.88
C GLU A 432 16.06 17.21 -14.56
N PRO A 433 15.96 18.51 -14.25
CA PRO A 433 15.31 18.95 -13.01
C PRO A 433 13.86 18.51 -12.91
N SER A 434 13.41 18.15 -11.70
CA SER A 434 12.00 17.78 -11.42
C SER A 434 11.04 18.89 -11.84
N ARG A 435 9.87 18.55 -12.38
CA ARG A 435 8.76 19.52 -12.55
C ARG A 435 7.83 19.40 -11.33
N GLY A 436 7.62 20.49 -10.64
CA GLY A 436 6.80 20.59 -9.43
C GLY A 436 5.39 21.02 -9.76
N TRP A 437 4.50 20.96 -8.78
CA TRP A 437 3.09 21.37 -8.91
C TRP A 437 2.89 22.67 -8.16
N ASN A 438 2.18 23.60 -8.78
CA ASN A 438 1.88 24.91 -8.19
C ASN A 438 0.59 24.87 -7.39
N ASP A 439 -0.22 23.81 -7.45
CA ASP A 439 -1.56 23.81 -6.79
C ASP A 439 -1.75 22.43 -6.18
N TRP A 440 -1.96 22.37 -4.87
CA TRP A 440 -2.11 21.11 -4.11
C TRP A 440 -3.25 20.25 -4.69
N THR A 441 -4.23 20.86 -5.35
CA THR A 441 -5.39 20.11 -5.92
C THR A 441 -4.99 19.38 -7.19
N GLN A 442 -3.77 19.60 -7.69
CA GLN A 442 -3.24 18.94 -8.91
C GLN A 442 -2.26 17.81 -8.57
N VAL A 443 -1.73 17.79 -7.36
CA VAL A 443 -0.61 16.88 -6.96
C VAL A 443 -1.16 15.46 -6.93
N PRO A 444 -0.49 14.48 -7.57
CA PRO A 444 -0.86 13.08 -7.40
C PRO A 444 -0.31 12.48 -6.10
N PHE A 445 -1.11 11.66 -5.39
CA PHE A 445 -0.66 10.98 -4.14
C PHE A 445 -1.57 9.77 -3.92
N CYS A 446 -0.96 8.60 -3.70
CA CYS A 446 -1.69 7.34 -3.38
C CYS A 446 -2.76 7.09 -4.45
N SER A 447 -2.40 7.30 -5.73
CA SER A 447 -3.22 7.08 -6.95
C SER A 447 -4.41 8.06 -7.03
N HIS A 448 -4.43 9.15 -6.28
CA HIS A 448 -5.57 10.11 -6.24
C HIS A 448 -5.07 11.53 -6.50
N HIS A 449 -6.01 12.42 -6.80
CA HIS A 449 -5.87 13.87 -6.58
C HIS A 449 -7.04 14.26 -5.69
N PHE A 450 -7.07 15.51 -5.27
CA PHE A 450 -7.98 16.01 -4.24
C PHE A 450 -8.62 17.31 -4.70
N HIS A 451 -9.95 17.40 -4.50
CA HIS A 451 -10.76 18.60 -4.82
C HIS A 451 -11.18 19.31 -3.53
N GLU A 452 -11.27 20.65 -3.57
CA GLU A 452 -11.88 21.49 -2.50
C GLU A 452 -13.35 21.72 -2.87
N LEU A 453 -14.29 21.25 -2.07
CA LEU A 453 -15.71 21.24 -2.48
C LEU A 453 -16.51 21.98 -1.41
N ILE A 454 -17.24 23.02 -1.79
CA ILE A 454 -17.91 23.90 -0.78
C ILE A 454 -19.38 23.47 -0.70
N MET A 455 -19.80 23.11 0.50
CA MET A 455 -21.20 22.70 0.76
C MET A 455 -22.10 23.93 0.65
N LYS A 456 -23.36 23.73 0.28
N LYS A 456 -23.35 23.72 0.28
CA LYS A 456 -24.38 24.80 0.19
CA LYS A 456 -24.40 24.78 0.20
C LYS A 456 -24.36 25.64 1.48
C LYS A 456 -24.34 25.63 1.47
N ASP A 457 -24.07 25.01 2.63
CA ASP A 457 -24.02 25.71 3.95
C ASP A 457 -22.66 26.36 4.26
N GLY A 458 -21.73 26.39 3.30
CA GLY A 458 -20.45 27.10 3.44
C GLY A 458 -19.32 26.25 3.99
N ARG A 459 -19.55 25.04 4.52
CA ARG A 459 -18.45 24.26 5.13
C ARG A 459 -17.59 23.65 3.99
N VAL A 460 -16.33 23.37 4.26
CA VAL A 460 -15.37 22.91 3.22
C VAL A 460 -15.05 21.44 3.38
N LEU A 461 -15.28 20.68 2.30
CA LEU A 461 -14.84 19.28 2.18
C LEU A 461 -13.61 19.20 1.26
N VAL A 462 -12.59 18.48 1.67
CA VAL A 462 -11.46 18.13 0.78
C VAL A 462 -11.60 16.64 0.47
N VAL A 463 -11.92 16.33 -0.79
CA VAL A 463 -12.37 14.97 -1.21
C VAL A 463 -11.37 14.30 -2.14
N PRO A 464 -11.26 12.96 -2.02
CA PRO A 464 -10.40 12.16 -2.89
C PRO A 464 -11.07 11.92 -4.24
N CYS A 465 -10.26 11.81 -5.28
CA CYS A 465 -10.80 11.61 -6.66
C CYS A 465 -9.79 10.87 -7.51
N ARG A 466 -10.27 10.09 -8.48
CA ARG A 466 -9.42 9.61 -9.58
C ARG A 466 -10.29 9.37 -10.79
N ASN A 467 -9.66 9.14 -11.91
CA ASN A 467 -10.42 8.95 -13.17
C ASN A 467 -11.50 7.88 -12.91
N GLN A 468 -12.73 8.14 -13.31
CA GLN A 468 -13.87 7.31 -12.88
C GLN A 468 -13.85 5.96 -13.60
N ASP A 469 -13.20 5.89 -14.76
CA ASP A 469 -13.03 4.58 -15.45
C ASP A 469 -12.25 3.62 -14.56
N GLU A 470 -11.23 4.11 -13.84
CA GLU A 470 -10.40 3.25 -12.96
C GLU A 470 -11.27 2.73 -11.80
N LEU A 471 -12.12 3.56 -11.24
CA LEU A 471 -12.98 3.17 -10.08
C LEU A 471 -14.01 2.11 -10.53
N ILE A 472 -14.70 2.35 -11.64
CA ILE A 472 -15.73 1.39 -12.15
C ILE A 472 -15.07 0.08 -12.59
N GLY A 473 -13.97 0.14 -13.33
CA GLY A 473 -13.25 -1.04 -13.80
C GLY A 473 -12.74 -1.90 -12.63
N ARG A 474 -12.31 -1.27 -11.54
CA ARG A 474 -11.84 -2.07 -10.36
C ARG A 474 -13.02 -2.74 -9.64
N ALA A 475 -14.16 -2.05 -9.47
CA ALA A 475 -15.35 -2.59 -8.76
C ALA A 475 -15.96 -3.75 -9.57
N ARG A 476 -15.66 -3.84 -10.86
CA ARG A 476 -16.18 -4.93 -11.73
C ARG A 476 -15.33 -6.21 -11.66
N ILE A 477 -14.30 -6.21 -10.85
CA ILE A 477 -13.35 -7.36 -10.76
C ILE A 477 -13.39 -7.98 -9.37
N SER A 478 -13.38 -9.31 -9.34
N SER A 478 -13.38 -9.31 -9.32
CA SER A 478 -13.18 -10.16 -8.13
CA SER A 478 -13.17 -10.12 -8.09
C SER A 478 -11.89 -10.94 -8.29
C SER A 478 -12.01 -11.08 -8.28
N GLN A 479 -11.35 -11.47 -7.18
CA GLN A 479 -10.17 -12.36 -7.20
C GLN A 479 -10.61 -13.68 -6.58
N GLY A 480 -10.16 -14.80 -7.15
CA GLY A 480 -10.34 -16.14 -6.55
C GLY A 480 -11.60 -16.85 -7.03
N ALA A 481 -11.72 -18.12 -6.61
CA ALA A 481 -12.73 -19.09 -7.06
C ALA A 481 -13.77 -19.31 -5.96
N GLY A 482 -14.87 -19.97 -6.33
CA GLY A 482 -15.91 -20.49 -5.42
C GLY A 482 -16.73 -19.36 -4.85
N TRP A 483 -16.88 -18.24 -5.58
CA TRP A 483 -17.76 -17.16 -5.09
C TRP A 483 -19.22 -17.58 -5.29
N SER A 484 -20.00 -17.62 -4.22
CA SER A 484 -21.47 -17.73 -4.33
C SER A 484 -22.06 -16.44 -4.90
N LEU A 485 -23.36 -16.44 -5.25
CA LEU A 485 -24.06 -15.19 -5.67
C LEU A 485 -24.14 -14.23 -4.47
N ARG A 486 -24.41 -14.75 -3.27
CA ARG A 486 -24.46 -13.89 -2.06
C ARG A 486 -23.10 -13.25 -1.83
N GLU A 487 -21.99 -14.00 -1.91
CA GLU A 487 -20.65 -13.41 -1.65
C GLU A 487 -20.32 -12.34 -2.72
N THR A 488 -20.66 -12.60 -3.97
CA THR A 488 -20.45 -11.64 -5.08
C THR A 488 -21.25 -10.36 -4.78
N ALA A 489 -22.53 -10.50 -4.39
CA ALA A 489 -23.37 -9.34 -4.04
C ALA A 489 -22.76 -8.55 -2.88
N CYS A 490 -22.24 -9.22 -1.84
CA CYS A 490 -21.70 -8.53 -0.66
C CYS A 490 -20.40 -7.78 -1.03
N LEU A 491 -19.59 -8.31 -1.95
CA LEU A 491 -18.41 -7.57 -2.46
C LEU A 491 -18.87 -6.33 -3.26
N GLY A 492 -19.91 -6.46 -4.07
CA GLY A 492 -20.47 -5.31 -4.80
C GLY A 492 -20.90 -4.24 -3.81
N LYS A 493 -21.57 -4.65 -2.73
CA LYS A 493 -22.06 -3.74 -1.68
C LYS A 493 -20.86 -3.03 -1.03
N SER A 494 -19.75 -3.72 -0.77
CA SER A 494 -18.53 -3.07 -0.22
C SER A 494 -18.08 -1.93 -1.15
N TYR A 495 -17.99 -2.16 -2.45
CA TYR A 495 -17.58 -1.08 -3.40
C TYR A 495 -18.60 0.05 -3.35
N ALA A 496 -19.88 -0.28 -3.36
CA ALA A 496 -20.96 0.74 -3.37
C ALA A 496 -20.83 1.62 -2.13
N GLN A 497 -20.64 1.01 -0.97
CA GLN A 497 -20.55 1.81 0.28
C GLN A 497 -19.23 2.65 0.31
N MET A 498 -18.13 2.13 -0.22
CA MET A 498 -16.89 2.95 -0.36
C MET A 498 -17.22 4.16 -1.25
N TRP A 499 -17.90 3.95 -2.37
CA TRP A 499 -18.24 5.08 -3.27
C TRP A 499 -19.08 6.13 -2.52
N SER A 500 -20.10 5.71 -1.76
N SER A 500 -20.09 5.71 -1.76
CA SER A 500 -20.98 6.63 -1.00
CA SER A 500 -21.00 6.61 -1.00
C SER A 500 -20.16 7.46 -0.02
C SER A 500 -20.17 7.43 0.00
N LEU A 501 -19.10 6.88 0.56
CA LEU A 501 -18.29 7.58 1.58
C LEU A 501 -17.17 8.45 0.99
N MET A 502 -16.51 8.00 -0.06
CA MET A 502 -15.26 8.65 -0.55
C MET A 502 -15.57 9.41 -1.85
N TYR A 503 -16.49 8.93 -2.70
CA TYR A 503 -16.67 9.44 -4.07
C TYR A 503 -18.12 9.90 -4.32
N PHE A 504 -18.82 10.31 -3.25
CA PHE A 504 -20.22 10.80 -3.27
C PHE A 504 -20.37 12.00 -4.20
N HIS A 505 -19.26 12.72 -4.43
CA HIS A 505 -19.18 13.95 -5.25
C HIS A 505 -19.17 13.67 -6.76
N ARG A 506 -19.11 12.39 -7.16
CA ARG A 506 -19.10 11.95 -8.58
C ARG A 506 -20.54 11.51 -8.87
N ARG A 507 -21.27 12.23 -9.74
CA ARG A 507 -22.68 11.95 -10.04
C ARG A 507 -22.91 10.46 -10.36
N ASP A 508 -22.12 9.87 -11.24
CA ASP A 508 -22.34 8.49 -11.71
C ASP A 508 -22.16 7.52 -10.53
N LEU A 509 -21.19 7.76 -9.65
CA LEU A 509 -20.87 6.80 -8.58
C LEU A 509 -21.92 6.91 -7.47
N ARG A 510 -22.47 8.10 -7.18
CA ARG A 510 -23.50 8.17 -6.11
C ARG A 510 -24.72 7.41 -6.61
N LEU A 511 -25.05 7.54 -7.90
CA LEU A 511 -26.23 6.88 -8.50
C LEU A 511 -25.97 5.37 -8.53
N ALA A 512 -24.81 4.93 -8.97
CA ALA A 512 -24.49 3.47 -9.08
C ALA A 512 -24.42 2.85 -7.66
N ALA A 513 -23.88 3.56 -6.69
CA ALA A 513 -23.82 3.14 -5.27
C ALA A 513 -25.23 2.94 -4.71
N ASN A 514 -26.10 3.90 -4.96
CA ASN A 514 -27.53 3.80 -4.52
C ASN A 514 -28.18 2.61 -5.20
N ALA A 515 -27.92 2.39 -6.48
CA ALA A 515 -28.52 1.27 -7.22
C ALA A 515 -28.05 -0.07 -6.64
N ILE A 516 -26.75 -0.26 -6.43
CA ILE A 516 -26.20 -1.54 -5.91
C ILE A 516 -26.77 -1.77 -4.49
N CYS A 517 -26.82 -0.75 -3.66
CA CYS A 517 -27.34 -0.92 -2.28
C CYS A 517 -28.85 -1.24 -2.33
N SER A 518 -29.56 -0.81 -3.38
CA SER A 518 -31.02 -1.11 -3.52
C SER A 518 -31.18 -2.54 -4.02
N ALA A 519 -30.17 -3.07 -4.73
CA ALA A 519 -30.24 -4.37 -5.44
C ALA A 519 -29.81 -5.51 -4.53
N VAL A 520 -29.03 -5.23 -3.49
CA VAL A 520 -28.48 -6.25 -2.58
C VAL A 520 -29.35 -6.23 -1.32
N PRO A 521 -29.76 -7.40 -0.75
CA PRO A 521 -30.57 -7.39 0.48
C PRO A 521 -29.99 -6.46 1.54
N SER A 522 -30.86 -5.65 2.14
N SER A 522 -30.88 -5.67 2.15
CA SER A 522 -30.50 -4.55 3.09
CA SER A 522 -30.57 -4.57 3.10
C SER A 522 -29.60 -5.06 4.22
C SER A 522 -29.64 -5.04 4.23
N HIS A 523 -29.86 -6.25 4.77
CA HIS A 523 -29.13 -6.75 5.98
C HIS A 523 -27.89 -7.56 5.61
N TRP A 524 -27.62 -7.84 4.33
CA TRP A 524 -26.41 -8.60 3.96
C TRP A 524 -25.17 -7.74 4.20
N VAL A 525 -24.14 -8.36 4.78
CA VAL A 525 -22.93 -7.69 5.34
C VAL A 525 -21.90 -7.57 4.22
N PRO A 526 -21.39 -6.37 3.94
CA PRO A 526 -20.32 -6.23 2.97
C PRO A 526 -19.07 -7.03 3.32
N THR A 527 -18.42 -7.61 2.32
CA THR A 527 -17.22 -8.48 2.46
C THR A 527 -16.14 -8.09 1.47
N SER A 528 -14.95 -8.58 1.76
CA SER A 528 -13.72 -8.53 0.95
C SER A 528 -12.87 -9.73 1.32
N ARG A 529 -12.01 -10.23 0.42
CA ARG A 529 -11.08 -11.36 0.70
C ARG A 529 -9.67 -10.86 1.04
N THR A 530 -9.24 -9.70 0.51
CA THR A 530 -8.04 -8.95 0.96
C THR A 530 -8.49 -7.57 1.46
N THR A 531 -8.24 -7.28 2.75
CA THR A 531 -8.71 -6.05 3.45
C THR A 531 -7.59 -5.01 3.44
N ALA A 536 -5.00 2.42 4.86
CA ALA A 536 -6.29 3.16 4.93
C ALA A 536 -7.25 2.47 5.91
N THR A 537 -8.10 3.25 6.57
CA THR A 537 -9.25 2.79 7.41
C THR A 537 -10.41 2.46 6.48
N HIS A 538 -11.25 1.48 6.84
N HIS A 538 -11.26 1.49 6.86
CA HIS A 538 -12.34 0.95 5.97
CA HIS A 538 -12.35 0.90 6.03
C HIS A 538 -13.71 1.18 6.65
C HIS A 538 -13.72 1.17 6.67
N GLU A 539 -14.11 2.45 6.78
CA GLU A 539 -15.36 2.84 7.46
C GLU A 539 -16.62 2.36 6.73
N TRP A 540 -16.51 1.98 5.43
CA TRP A 540 -17.67 1.53 4.62
C TRP A 540 -17.98 0.05 4.89
N MET A 541 -17.11 -0.65 5.61
CA MET A 541 -17.29 -2.09 5.87
C MET A 541 -18.19 -2.23 7.11
N THR A 542 -19.51 -2.07 6.96
CA THR A 542 -20.48 -1.96 8.09
C THR A 542 -21.87 -2.12 7.52
N THR A 543 -22.86 -2.44 8.36
CA THR A 543 -24.30 -2.43 7.99
C THR A 543 -25.00 -1.21 8.57
N GLU A 544 -24.29 -0.33 9.28
CA GLU A 544 -24.84 0.98 9.72
C GLU A 544 -25.27 1.77 8.48
N ASP A 545 -26.29 2.59 8.65
CA ASP A 545 -26.82 3.51 7.61
C ASP A 545 -25.67 4.39 7.09
N MET A 546 -25.50 4.52 5.77
CA MET A 546 -24.32 5.23 5.19
C MET A 546 -24.41 6.74 5.48
N LEU A 547 -25.60 7.33 5.65
CA LEU A 547 -25.67 8.78 6.02
C LEU A 547 -25.10 9.01 7.42
N THR A 548 -25.36 8.10 8.36
CA THR A 548 -24.82 8.17 9.75
C THR A 548 -23.29 8.05 9.69
N VAL A 549 -22.78 7.11 8.91
CA VAL A 549 -21.31 6.92 8.72
C VAL A 549 -20.71 8.17 8.05
N TRP A 550 -21.40 8.74 7.05
CA TRP A 550 -20.91 9.95 6.35
C TRP A 550 -20.73 11.06 7.40
N ASN A 551 -21.76 11.29 8.22
CA ASN A 551 -21.74 12.34 9.26
C ASN A 551 -20.56 12.11 10.22
N ARG A 552 -20.33 10.87 10.63
CA ARG A 552 -19.27 10.59 11.63
C ARG A 552 -17.91 10.91 10.98
N VAL A 553 -17.70 10.54 9.73
CA VAL A 553 -16.37 10.63 9.07
C VAL A 553 -16.09 12.09 8.64
N TRP A 554 -17.04 12.75 7.98
CA TRP A 554 -16.81 14.06 7.33
C TRP A 554 -17.11 15.23 8.26
N ILE A 555 -17.90 15.01 9.33
CA ILE A 555 -18.32 16.12 10.22
C ILE A 555 -17.78 15.85 11.63
N GLN A 556 -18.33 14.85 12.33
CA GLN A 556 -18.10 14.66 13.79
C GLN A 556 -16.59 14.47 14.05
N GLU A 557 -15.94 13.53 13.37
CA GLU A 557 -14.55 13.10 13.67
C GLU A 557 -13.53 13.89 12.81
N ASN A 558 -13.99 14.82 11.97
CA ASN A 558 -13.12 15.59 11.03
C ASN A 558 -12.48 16.77 11.75
N PRO A 559 -11.17 16.73 12.08
CA PRO A 559 -10.53 17.82 12.82
C PRO A 559 -10.42 19.12 12.02
N TRP A 560 -10.63 19.10 10.71
CA TRP A 560 -10.61 20.34 9.88
C TRP A 560 -12.01 21.00 9.78
N MET A 561 -13.08 20.42 10.38
CA MET A 561 -14.49 20.91 10.31
C MET A 561 -14.84 21.46 11.71
N GLU A 562 -14.88 22.78 11.88
CA GLU A 562 -15.15 23.39 13.21
C GLU A 562 -16.65 23.28 13.56
N ASP A 563 -17.54 23.56 12.62
CA ASP A 563 -19.02 23.46 12.82
C ASP A 563 -19.45 21.99 12.73
N LYS A 564 -19.96 21.41 13.81
CA LYS A 564 -20.32 19.97 13.90
C LYS A 564 -21.80 19.76 13.62
N THR A 565 -22.50 20.71 12.99
CA THR A 565 -23.95 20.50 12.68
C THR A 565 -24.10 19.28 11.77
N PRO A 566 -24.86 18.23 12.17
CA PRO A 566 -25.04 17.05 11.33
C PRO A 566 -25.78 17.39 10.03
N VAL A 567 -25.51 16.62 8.99
CA VAL A 567 -26.25 16.73 7.70
C VAL A 567 -27.43 15.78 7.83
N GLU A 568 -28.63 16.21 7.43
CA GLU A 568 -29.89 15.47 7.70
C GLU A 568 -30.28 14.63 6.47
N SER A 569 -29.76 14.95 5.28
CA SER A 569 -30.10 14.18 4.06
C SER A 569 -28.96 14.21 3.02
N TRP A 570 -28.95 13.22 2.14
CA TRP A 570 -27.94 13.15 1.04
C TRP A 570 -28.02 14.41 0.15
N GLU A 571 -29.18 15.07 0.04
CA GLU A 571 -29.31 16.26 -0.84
C GLU A 571 -28.49 17.45 -0.30
N GLU A 572 -28.15 17.49 0.98
CA GLU A 572 -27.23 18.53 1.53
C GLU A 572 -25.78 18.27 1.06
N ILE A 573 -25.48 17.09 0.53
CA ILE A 573 -24.06 16.67 0.30
C ILE A 573 -23.75 16.99 -1.17
N PRO A 574 -22.76 17.87 -1.45
CA PRO A 574 -22.55 18.39 -2.80
C PRO A 574 -21.86 17.42 -3.78
N TYR A 575 -21.94 17.76 -5.06
CA TYR A 575 -21.16 17.16 -6.16
C TYR A 575 -20.07 18.13 -6.62
N LEU A 576 -19.06 17.63 -7.33
CA LEU A 576 -18.17 18.45 -8.16
C LEU A 576 -19.04 19.28 -9.10
N GLY A 577 -18.52 20.39 -9.59
CA GLY A 577 -19.06 21.05 -10.80
C GLY A 577 -19.29 20.05 -11.93
N LYS A 578 -20.34 20.24 -12.73
CA LYS A 578 -20.65 19.29 -13.82
C LYS A 578 -19.48 19.17 -14.80
N ARG A 579 -18.78 20.25 -15.11
CA ARG A 579 -17.67 20.18 -16.09
C ARG A 579 -16.48 19.44 -15.45
N GLU A 580 -16.20 19.72 -14.19
CA GLU A 580 -15.13 19.02 -13.42
C GLU A 580 -15.43 17.51 -13.36
N ASP A 581 -16.69 17.13 -13.18
CA ASP A 581 -17.11 15.71 -13.11
C ASP A 581 -16.80 15.02 -14.45
N GLN A 582 -17.09 15.71 -15.56
CA GLN A 582 -16.76 15.20 -16.93
C GLN A 582 -15.25 15.11 -17.07
N TRP A 583 -14.49 16.14 -16.72
CA TRP A 583 -13.02 16.12 -16.77
C TRP A 583 -12.47 14.87 -16.06
N CYS A 584 -13.04 14.51 -14.91
CA CYS A 584 -12.56 13.33 -14.14
C CYS A 584 -13.28 12.04 -14.56
N GLY A 585 -13.92 11.99 -15.74
CA GLY A 585 -14.39 10.77 -16.42
C GLY A 585 -15.90 10.52 -16.37
N SER A 586 -16.73 11.41 -15.82
CA SER A 586 -18.21 11.25 -15.79
C SER A 586 -18.78 11.06 -17.21
N LEU A 587 -19.82 10.25 -17.33
CA LEU A 587 -20.58 10.07 -18.58
C LEU A 587 -21.78 10.99 -18.60
N ILE A 588 -21.96 11.87 -17.61
CA ILE A 588 -23.10 12.85 -17.59
C ILE A 588 -23.08 13.60 -18.94
N GLY A 589 -24.24 13.70 -19.59
CA GLY A 589 -24.32 14.35 -20.92
C GLY A 589 -24.43 13.34 -22.04
N LEU A 590 -24.03 12.08 -21.85
CA LEU A 590 -24.19 11.03 -22.90
C LEU A 590 -25.61 10.45 -22.84
N THR A 591 -26.12 10.08 -24.01
CA THR A 591 -27.41 9.37 -24.19
C THR A 591 -27.39 8.02 -23.45
N SER A 592 -26.31 7.25 -23.53
CA SER A 592 -26.18 5.95 -22.78
C SER A 592 -26.42 6.18 -21.28
N ARG A 593 -25.86 7.25 -20.70
CA ARG A 593 -25.91 7.52 -19.24
C ARG A 593 -27.33 7.96 -18.89
N ALA A 594 -27.94 8.83 -19.71
CA ALA A 594 -29.32 9.31 -19.49
C ALA A 594 -30.30 8.12 -19.45
N THR A 595 -30.18 7.18 -20.39
CA THR A 595 -31.09 6.01 -20.44
C THR A 595 -30.86 5.13 -19.18
N TRP A 596 -29.62 4.93 -18.82
CA TRP A 596 -29.28 4.16 -17.59
C TRP A 596 -29.93 4.80 -16.36
N ALA A 597 -29.75 6.10 -16.15
CA ALA A 597 -30.26 6.79 -14.93
C ALA A 597 -31.79 6.74 -14.91
N LYS A 598 -32.42 7.04 -16.05
CA LYS A 598 -33.92 7.06 -16.17
C LYS A 598 -34.50 5.69 -15.88
N ASN A 599 -33.88 4.62 -16.37
CA ASN A 599 -34.39 3.23 -16.30
C ASN A 599 -33.72 2.44 -15.16
N ILE A 600 -33.14 3.10 -14.17
CA ILE A 600 -32.28 2.37 -13.16
C ILE A 600 -33.10 1.33 -12.36
N GLN A 601 -34.39 1.58 -12.11
N GLN A 601 -34.40 1.58 -12.12
CA GLN A 601 -35.26 0.65 -11.33
CA GLN A 601 -35.25 0.66 -11.32
C GLN A 601 -35.38 -0.68 -12.07
C GLN A 601 -35.40 -0.68 -12.08
N THR A 602 -35.36 -0.66 -13.41
CA THR A 602 -35.35 -1.90 -14.24
C THR A 602 -34.06 -2.70 -14.01
N ALA A 603 -32.93 -2.05 -13.90
CA ALA A 603 -31.62 -2.72 -13.66
C ALA A 603 -31.65 -3.30 -12.26
N ILE A 604 -32.09 -2.50 -11.29
CA ILE A 604 -32.16 -2.94 -9.87
C ILE A 604 -33.01 -4.20 -9.80
N ASN A 605 -34.15 -4.20 -10.50
CA ASN A 605 -35.13 -5.31 -10.45
C ASN A 605 -34.53 -6.53 -11.15
N GLN A 606 -33.70 -6.36 -12.19
CA GLN A 606 -33.05 -7.52 -12.82
C GLN A 606 -32.17 -8.25 -11.78
N VAL A 607 -31.37 -7.49 -11.05
CA VAL A 607 -30.47 -8.09 -10.04
C VAL A 607 -31.31 -8.67 -8.87
N ARG A 608 -32.35 -7.98 -8.42
CA ARG A 608 -33.22 -8.50 -7.33
C ARG A 608 -33.86 -9.85 -7.74
N SER A 609 -34.27 -9.96 -8.99
CA SER A 609 -34.83 -11.24 -9.53
C SER A 609 -33.80 -12.36 -9.54
N LEU A 610 -32.53 -12.09 -9.82
CA LEU A 610 -31.48 -13.16 -9.81
C LEU A 610 -31.22 -13.60 -8.38
N ILE A 611 -31.12 -12.66 -7.43
CA ILE A 611 -30.78 -12.95 -6.01
C ILE A 611 -31.98 -13.68 -5.36
N GLY A 612 -33.20 -13.27 -5.68
CA GLY A 612 -34.46 -13.94 -5.27
C GLY A 612 -35.26 -13.12 -4.27
N ASN A 613 -36.17 -13.78 -3.56
CA ASN A 613 -37.18 -13.12 -2.69
C ASN A 613 -36.59 -12.86 -1.30
N GLU A 614 -35.99 -11.69 -1.14
CA GLU A 614 -35.15 -11.31 0.01
C GLU A 614 -35.69 -9.96 0.46
N GLU A 615 -35.21 -9.43 1.58
CA GLU A 615 -35.67 -8.07 1.98
C GLU A 615 -34.72 -7.05 1.37
N TYR A 616 -35.26 -6.12 0.60
CA TYR A 616 -34.56 -5.00 -0.09
C TYR A 616 -35.12 -3.67 0.37
N THR A 617 -34.28 -2.63 0.35
CA THR A 617 -34.63 -1.19 0.56
C THR A 617 -34.41 -0.42 -0.75
N ASP A 618 -35.34 0.49 -1.10
CA ASP A 618 -35.13 1.44 -2.23
C ASP A 618 -34.34 2.65 -1.72
N TYR A 619 -33.05 2.76 -2.09
CA TYR A 619 -32.26 3.97 -1.74
C TYR A 619 -32.37 5.06 -2.83
N MET A 620 -33.01 4.83 -3.99
CA MET A 620 -32.93 5.84 -5.08
C MET A 620 -33.61 7.18 -4.68
N PRO A 621 -34.75 7.23 -3.96
CA PRO A 621 -35.36 8.50 -3.53
C PRO A 621 -34.53 9.41 -2.60
N SER A 622 -33.38 8.94 -2.11
CA SER A 622 -32.33 9.75 -1.43
C SER A 622 -31.70 10.77 -2.40
N MET A 623 -31.92 10.61 -3.72
CA MET A 623 -31.46 11.56 -4.76
C MET A 623 -32.67 12.37 -5.26
N LYS A 624 -32.49 13.69 -5.45
CA LYS A 624 -33.55 14.63 -5.88
C LYS A 624 -34.37 14.06 -7.05
N ARG A 625 -33.73 13.57 -8.12
CA ARG A 625 -34.43 13.22 -9.38
C ARG A 625 -35.37 12.00 -9.22
N PHE A 626 -35.17 11.13 -8.22
CA PHE A 626 -36.06 9.94 -7.97
C PHE A 626 -37.00 10.25 -6.80
N ARG A 627 -36.80 11.41 -6.16
CA ARG A 627 -37.67 11.91 -5.07
C ARG A 627 -38.84 12.64 -5.74
N ARG A 628 -39.74 11.90 -6.42
CA ARG A 628 -41.03 12.39 -6.98
C ARG A 628 -40.83 13.64 -7.85
ZN ZN B . -11.12 14.64 -9.89
ZN ZN C . 14.47 -18.81 9.49
O1 MES D . -25.58 -14.80 -11.68
O1 MES D . -25.12 -14.55 -11.56
C2 MES D . -25.63 -15.22 -13.03
C2 MES D . -25.29 -14.84 -12.94
C3 MES D . -24.48 -14.63 -13.81
C3 MES D . -24.57 -13.83 -13.80
N4 MES D . -24.58 -13.14 -13.78
N4 MES D . -25.07 -12.45 -13.51
C5 MES D . -24.60 -12.68 -12.36
C5 MES D . -24.94 -12.19 -12.05
C6 MES D . -25.69 -13.39 -11.58
C6 MES D . -25.64 -13.27 -11.26
C7 MES D . -23.48 -12.49 -14.56
C7 MES D . -24.37 -11.41 -14.33
C8 MES D . -23.85 -11.06 -14.92
C8 MES D . -23.10 -11.90 -14.98
S MES D . -23.00 -10.44 -16.35
S MES D . -22.55 -10.83 -16.28
O1S MES D . -24.06 -10.02 -17.22
O1S MES D . -23.73 -10.22 -16.83
O2S MES D . -22.21 -9.35 -15.86
O2S MES D . -21.67 -9.86 -15.67
O3S MES D . -22.22 -11.49 -16.91
O3S MES D . -21.87 -11.66 -17.23
S DMS E . -26.97 3.79 0.08
O DMS E . -27.29 5.21 0.67
C1 DMS E . -26.51 2.79 1.44
C2 DMS E . -25.34 4.02 -0.61
S DMS F . -27.47 18.49 -4.45
O DMS F . -26.49 17.72 -3.61
C1 DMS F . -28.73 17.33 -4.94
C2 DMS F . -26.70 18.73 -6.04
S DMS G . -13.31 -2.83 -1.15
O DMS G . -13.53 -2.81 0.34
C1 DMS G . -11.88 -1.83 -1.42
C2 DMS G . -14.48 -1.71 -1.78
C1 PEG H . -15.85 -0.39 10.13
O1 PEG H . -15.47 0.70 10.94
C2 PEG H . -14.86 -1.50 10.18
O2 PEG H . -15.41 -2.68 9.60
C3 PEG H . -14.57 -3.84 9.71
C4 PEG H . -13.40 -3.71 8.79
O4 PEG H . -13.27 -4.81 7.91
P PO4 I . 3.96 10.31 -6.32
O1 PO4 I . 3.90 10.89 -7.90
O2 PO4 I . 5.51 10.52 -5.69
O3 PO4 I . 2.94 11.16 -5.31
O4 PO4 I . 3.59 8.89 -6.35
P PO4 J . 23.67 -4.46 16.13
O1 PO4 J . 23.42 -5.05 14.71
O2 PO4 J . 24.56 -3.20 15.99
O3 PO4 J . 22.32 -4.08 16.80
O4 PO4 J . 24.43 -5.50 17.02
C1 PEG K . -4.41 17.96 12.06
O1 PEG K . -5.31 17.33 12.96
C2 PEG K . -4.56 19.44 12.08
O2 PEG K . -5.91 19.77 12.35
C3 PEG K . -6.09 21.07 12.89
C4 PEG K . -6.42 22.05 11.80
O4 PEG K . -7.73 22.60 11.94
C10 8BT L . 0.17 -9.03 9.12
C01 8BT L . 4.64 -10.61 7.85
S02 8BT L . 4.01 -8.99 8.10
O03 8BT L . 4.33 -8.57 9.43
O04 8BT L . 4.43 -8.17 7.01
N05 8BT L . 2.40 -9.09 8.00
C06 8BT L . 1.56 -9.64 9.07
C07 8BT L . 1.27 -11.14 8.93
C08 8BT L . 0.01 -11.37 9.74
C09 8BT L . -0.64 -10.01 9.94
#